data_7CI8
#
_entry.id   7CI8
#
_cell.length_a   50.037
_cell.length_b   50.264
_cell.length_c   76.141
_cell.angle_alpha   72.60
_cell.angle_beta   76.97
_cell.angle_gamma   64.60
#
_symmetry.space_group_name_H-M   'P 1'
#
loop_
_entity.id
_entity.type
_entity.pdbx_description
1 polymer 'UDP-3-O-acyl-N-acetylglucosamine deacetylase'
2 non-polymer (1S)-1-[1-[(5-phenyl-1,2-oxazol-3-yl)methyl]imidazol-2-yl]ethanol
3 non-polymer 'ZINC ION'
4 non-polymer 'MAGNESIUM ION'
5 water water
#
_entity_poly.entity_id   1
_entity_poly.type   'polypeptide(L)'
_entity_poly.pdbx_seq_one_letter_code
;MIKQRTLKNIIRATGVGLHSGEKVYLTLKPAPVDTGIVFSRTDLDPVVEIPARAENVGETTMSTTLVKGDVKVDTVEHLL
SAMAGLGIDNAYVELSASEVPIMDGSAGPFVFLIQSAGLQEQEAAKKFIRIKREVSVEEGDKRAVFVPFDGFKVSFEIDF
DHPVFRGRTQQASVDFSSTSFVKEVSRARTFGFMRDIEYLRSQNLALGGSVENAIVVDENRVLNEDGLRYEDEFVKHKIL
DAIGDLYLLGNSLIGEFRGFKSGHALNNQLLRTLIADKDAWEVVTFEDARTAPISYMRP
;
_entity_poly.pdbx_strand_id   A,B
#
# COMPACT_ATOMS: atom_id res chain seq x y z
N MET A 1 -30.20 -8.23 0.21
CA MET A 1 -29.78 -8.61 -1.15
C MET A 1 -28.37 -8.10 -1.46
N ILE A 2 -27.73 -8.76 -2.42
CA ILE A 2 -26.38 -8.40 -2.93
C ILE A 2 -26.59 -7.50 -4.14
N LYS A 3 -26.16 -6.27 -3.98
CA LYS A 3 -26.42 -5.21 -4.98
C LYS A 3 -25.24 -5.13 -5.93
N GLN A 4 -25.48 -4.54 -7.09
CA GLN A 4 -24.38 -4.31 -8.05
C GLN A 4 -23.47 -3.22 -7.51
N ARG A 5 -22.24 -3.18 -7.99
CA ARG A 5 -21.23 -2.24 -7.45
C ARG A 5 -20.57 -1.45 -8.57
N THR A 6 -19.98 -0.32 -8.20
CA THR A 6 -19.24 0.53 -9.15
C THR A 6 -18.11 1.25 -8.42
N LEU A 7 -17.39 2.07 -9.17
CA LEU A 7 -16.31 2.88 -8.59
C LEU A 7 -16.88 4.12 -7.89
N LYS A 8 -16.34 4.42 -6.73
CA LYS A 8 -16.73 5.62 -5.96
C LYS A 8 -16.05 6.85 -6.57
N ASN A 9 -14.88 6.70 -7.18
CA ASN A 9 -14.19 7.88 -7.74
C ASN A 9 -13.41 7.50 -8.98
N ILE A 10 -12.76 8.50 -9.55
CA ILE A 10 -12.01 8.32 -10.82
C ILE A 10 -10.58 7.89 -10.48
N ILE A 11 -10.05 6.99 -11.28
CA ILE A 11 -8.65 6.53 -11.13
C ILE A 11 -7.94 6.58 -12.47
N ARG A 12 -6.71 7.07 -12.41
CA ARG A 12 -5.85 7.22 -13.59
C ARG A 12 -4.55 6.49 -13.33
N ALA A 13 -4.04 5.85 -14.35
CA ALA A 13 -2.78 5.11 -14.27
C ALA A 13 -2.14 5.16 -15.64
N THR A 14 -0.82 5.16 -15.65
CA THR A 14 -0.06 5.24 -16.90
C THR A 14 1.09 4.24 -16.83
N GLY A 15 1.28 3.50 -17.92
CA GLY A 15 2.36 2.51 -18.07
C GLY A 15 2.56 2.21 -19.53
N VAL A 16 3.10 1.04 -19.86
CA VAL A 16 3.34 0.62 -21.28
C VAL A 16 2.64 -0.70 -21.60
N GLY A 17 2.36 -0.89 -22.88
CA GLY A 17 1.93 -2.19 -23.42
C GLY A 17 3.09 -3.16 -23.52
N LEU A 18 2.93 -4.34 -22.95
CA LEU A 18 3.90 -5.47 -23.04
C LEU A 18 4.14 -5.80 -24.52
N HIS A 19 3.05 -6.00 -25.27
CA HIS A 19 3.11 -6.38 -26.71
C HIS A 19 3.35 -5.14 -27.55
N SER A 20 2.57 -4.09 -27.33
CA SER A 20 2.59 -2.89 -28.20
C SER A 20 3.83 -2.03 -27.88
N GLY A 21 4.19 -1.91 -26.60
CA GLY A 21 5.34 -1.10 -26.16
C GLY A 21 5.08 0.39 -26.28
N GLU A 22 3.81 0.79 -26.36
CA GLU A 22 3.40 2.22 -26.50
C GLU A 22 2.87 2.72 -25.16
N LYS A 23 3.25 3.95 -24.82
CA LYS A 23 2.74 4.61 -23.59
C LYS A 23 1.23 4.79 -23.71
N VAL A 24 0.51 4.55 -22.61
CA VAL A 24 -0.97 4.52 -22.63
C VAL A 24 -1.48 5.09 -21.31
N TYR A 25 -2.57 5.83 -21.36
CA TYR A 25 -3.22 6.38 -20.14
C TYR A 25 -4.55 5.67 -19.93
N LEU A 26 -4.73 5.09 -18.75
CA LEU A 26 -5.97 4.33 -18.46
C LEU A 26 -6.80 5.15 -17.47
N THR A 27 -8.04 5.44 -17.79
CA THR A 27 -8.87 6.15 -16.83
C THR A 27 -10.05 5.27 -16.50
N LEU A 28 -10.38 5.12 -15.23
CA LEU A 28 -11.58 4.34 -14.87
C LEU A 28 -12.61 5.28 -14.28
N LYS A 29 -13.82 5.14 -14.77
CA LYS A 29 -14.90 6.04 -14.33
C LYS A 29 -16.06 5.17 -13.91
N PRO A 30 -16.84 5.62 -12.91
CA PRO A 30 -18.10 4.95 -12.58
C PRO A 30 -19.10 4.92 -13.74
N ALA A 31 -19.88 3.84 -13.81
CA ALA A 31 -20.98 3.69 -14.79
C ALA A 31 -22.29 3.32 -14.11
N PRO A 32 -23.45 3.52 -14.79
CA PRO A 32 -24.77 3.12 -14.30
C PRO A 32 -25.02 1.62 -14.13
N VAL A 33 -26.12 1.27 -13.47
CA VAL A 33 -26.60 -0.12 -13.32
C VAL A 33 -26.93 -0.74 -14.68
N ASP A 34 -26.57 -2.02 -14.81
CA ASP A 34 -26.78 -2.94 -15.97
C ASP A 34 -25.86 -2.57 -17.13
N THR A 35 -24.85 -1.76 -16.87
CA THR A 35 -23.91 -1.28 -17.90
C THR A 35 -22.92 -2.39 -18.26
N GLY A 36 -22.27 -2.99 -17.26
CA GLY A 36 -21.12 -3.89 -17.48
C GLY A 36 -19.84 -3.10 -17.74
N ILE A 37 -18.82 -3.76 -18.26
CA ILE A 37 -17.47 -3.14 -18.41
C ILE A 37 -17.27 -2.74 -19.88
N VAL A 38 -17.10 -1.45 -20.12
CA VAL A 38 -17.00 -0.96 -21.51
C VAL A 38 -15.62 -0.38 -21.72
N PHE A 39 -14.95 -0.88 -22.73
CA PHE A 39 -13.60 -0.41 -23.12
C PHE A 39 -13.80 0.66 -24.18
N SER A 40 -13.16 1.79 -23.99
CA SER A 40 -13.30 2.92 -24.92
C SER A 40 -11.92 3.41 -25.37
N ARG A 41 -11.76 3.58 -26.68
CA ARG A 41 -10.52 4.16 -27.25
C ARG A 41 -10.80 5.63 -27.50
N THR A 42 -10.36 6.48 -26.59
CA THR A 42 -10.70 7.94 -26.58
C THR A 42 -9.69 8.76 -27.39
N ASP A 43 -8.73 8.13 -28.05
CA ASP A 43 -7.79 8.84 -28.94
C ASP A 43 -8.34 8.86 -30.37
N LEU A 44 -9.52 8.29 -30.58
CA LEU A 44 -10.09 8.17 -31.95
C LEU A 44 -11.28 9.11 -32.11
N ASP A 45 -11.50 9.60 -33.33
CA ASP A 45 -12.57 10.58 -33.64
C ASP A 45 -13.54 9.98 -34.66
N PRO A 46 -14.73 9.50 -34.26
CA PRO A 46 -15.25 9.57 -32.89
C PRO A 46 -14.76 8.40 -32.03
N VAL A 47 -15.00 8.49 -30.74
CA VAL A 47 -14.54 7.50 -29.73
C VAL A 47 -15.18 6.12 -29.99
N VAL A 48 -14.39 5.05 -29.91
CA VAL A 48 -14.86 3.67 -30.24
C VAL A 48 -15.09 2.86 -28.95
N GLU A 49 -16.33 2.48 -28.72
CA GLU A 49 -16.71 1.78 -27.47
C GLU A 49 -16.84 0.30 -27.78
N ILE A 50 -16.05 -0.53 -27.12
CA ILE A 50 -16.21 -2.01 -27.21
C ILE A 50 -16.64 -2.50 -25.84
N PRO A 51 -17.91 -2.90 -25.68
CA PRO A 51 -18.32 -3.51 -24.42
C PRO A 51 -17.56 -4.82 -24.18
N ALA A 52 -17.20 -5.14 -22.94
CA ALA A 52 -16.43 -6.37 -22.62
C ALA A 52 -17.33 -7.61 -22.56
N ARG A 53 -17.58 -8.25 -23.70
CA ARG A 53 -18.41 -9.48 -23.83
C ARG A 53 -17.61 -10.56 -24.56
N ALA A 54 -18.03 -11.80 -24.44
CA ALA A 54 -17.37 -12.97 -25.06
C ALA A 54 -17.40 -12.82 -26.59
N GLU A 55 -18.45 -12.21 -27.13
CA GLU A 55 -18.67 -12.16 -28.60
C GLU A 55 -17.84 -11.04 -29.22
N ASN A 56 -17.27 -10.17 -28.40
CA ASN A 56 -16.42 -9.07 -28.91
C ASN A 56 -14.96 -9.51 -28.91
N VAL A 57 -14.66 -10.68 -28.37
CA VAL A 57 -13.25 -11.19 -28.36
C VAL A 57 -12.94 -11.77 -29.73
N GLY A 58 -11.98 -11.18 -30.44
CA GLY A 58 -11.55 -11.70 -31.75
C GLY A 58 -10.21 -12.39 -31.65
N GLU A 59 -9.22 -11.74 -31.05
CA GLU A 59 -7.83 -12.25 -31.03
C GLU A 59 -7.51 -12.84 -29.65
N THR A 60 -6.94 -14.03 -29.64
CA THR A 60 -6.57 -14.73 -28.37
C THR A 60 -5.08 -15.06 -28.42
N THR A 61 -4.30 -14.23 -29.12
CA THR A 61 -2.89 -14.52 -29.46
C THR A 61 -1.99 -13.95 -28.36
N MET A 62 -1.78 -14.76 -27.32
CA MET A 62 -0.95 -14.47 -26.10
C MET A 62 -1.54 -13.31 -25.27
N SER A 63 -2.81 -12.99 -25.44
CA SER A 63 -3.51 -11.88 -24.74
C SER A 63 -4.98 -11.96 -25.12
N THR A 64 -5.89 -11.41 -24.35
CA THR A 64 -7.29 -11.35 -24.77
C THR A 64 -7.54 -10.06 -25.50
N THR A 65 -8.18 -10.10 -26.66
CA THR A 65 -8.34 -8.87 -27.46
C THR A 65 -9.80 -8.69 -27.92
N LEU A 66 -10.38 -7.56 -27.57
CA LEU A 66 -11.74 -7.21 -28.02
C LEU A 66 -11.68 -6.52 -29.39
N VAL A 67 -12.56 -6.92 -30.30
CA VAL A 67 -12.60 -6.39 -31.71
C VAL A 67 -13.94 -5.76 -32.00
N LYS A 68 -13.90 -4.49 -32.39
CA LYS A 68 -15.03 -3.87 -33.10
C LYS A 68 -14.46 -3.39 -34.43
N GLY A 69 -14.67 -4.17 -35.47
CA GLY A 69 -14.13 -3.91 -36.82
C GLY A 69 -12.60 -3.86 -36.84
N ASP A 70 -12.01 -2.75 -37.26
CA ASP A 70 -10.53 -2.65 -37.40
C ASP A 70 -9.94 -1.95 -36.17
N VAL A 71 -10.72 -1.73 -35.12
CA VAL A 71 -10.19 -1.14 -33.86
C VAL A 71 -10.16 -2.22 -32.79
N LYS A 72 -9.02 -2.39 -32.14
CA LYS A 72 -8.92 -3.44 -31.08
C LYS A 72 -8.26 -2.89 -29.80
N VAL A 73 -8.74 -3.43 -28.69
CA VAL A 73 -8.20 -3.14 -27.34
C VAL A 73 -7.53 -4.42 -26.85
N ASP A 74 -6.23 -4.35 -26.56
CA ASP A 74 -5.37 -5.55 -26.41
C ASP A 74 -5.01 -5.81 -24.94
N THR A 75 -4.75 -7.07 -24.59
CA THR A 75 -4.33 -7.51 -23.24
C THR A 75 -5.31 -6.98 -22.17
N VAL A 76 -6.55 -7.49 -22.17
CA VAL A 76 -7.58 -6.99 -21.22
C VAL A 76 -7.66 -7.81 -19.93
N GLU A 77 -7.04 -8.99 -19.87
CA GLU A 77 -7.40 -10.01 -18.84
C GLU A 77 -7.09 -9.62 -17.38
N HIS A 78 -5.96 -8.99 -17.06
CA HIS A 78 -5.56 -8.78 -15.64
C HIS A 78 -6.55 -7.82 -14.96
N LEU A 79 -6.71 -6.65 -15.56
CA LEU A 79 -7.64 -5.61 -15.08
C LEU A 79 -9.02 -6.23 -14.88
N LEU A 80 -9.52 -7.02 -15.83
CA LEU A 80 -10.89 -7.58 -15.71
C LEU A 80 -10.99 -8.54 -14.51
N SER A 81 -9.89 -9.19 -14.11
CA SER A 81 -9.86 -10.05 -12.90
C SER A 81 -9.85 -9.21 -11.62
N ALA A 82 -9.07 -8.13 -11.59
CA ALA A 82 -9.06 -7.24 -10.41
C ALA A 82 -10.50 -6.83 -10.17
N MET A 83 -11.11 -6.40 -11.26
CA MET A 83 -12.52 -5.97 -11.24
C MET A 83 -13.41 -7.16 -10.87
N ALA A 84 -13.12 -8.34 -11.39
CA ALA A 84 -13.83 -9.59 -11.01
C ALA A 84 -13.57 -9.87 -9.55
N GLY A 85 -12.35 -9.64 -9.10
CA GLY A 85 -11.87 -9.96 -7.74
C GLY A 85 -12.50 -9.08 -6.68
N LEU A 86 -12.58 -7.79 -6.93
CA LEU A 86 -13.14 -6.83 -5.96
C LEU A 86 -14.65 -6.71 -6.19
N GLY A 87 -15.13 -7.25 -7.31
CA GLY A 87 -16.56 -7.39 -7.60
C GLY A 87 -17.12 -6.15 -8.29
N ILE A 88 -16.30 -5.43 -9.03
CA ILE A 88 -16.81 -4.25 -9.75
C ILE A 88 -17.67 -4.73 -10.90
N ASP A 89 -18.97 -4.57 -10.76
CA ASP A 89 -19.95 -4.93 -11.83
C ASP A 89 -19.89 -3.99 -13.04
N ASN A 90 -19.88 -2.68 -12.84
CA ASN A 90 -20.00 -1.70 -13.94
C ASN A 90 -18.96 -0.59 -13.79
N ALA A 91 -18.18 -0.34 -14.82
CA ALA A 91 -17.17 0.73 -14.84
C ALA A 91 -16.83 1.09 -16.28
N TYR A 92 -16.51 2.36 -16.52
CA TYR A 92 -16.05 2.82 -17.85
C TYR A 92 -14.53 2.76 -17.88
N VAL A 93 -13.97 2.15 -18.92
CA VAL A 93 -12.50 1.97 -19.06
C VAL A 93 -12.08 2.69 -20.32
N GLU A 94 -11.16 3.63 -20.20
CA GLU A 94 -10.79 4.51 -21.34
C GLU A 94 -9.30 4.39 -21.61
N LEU A 95 -8.93 4.09 -22.86
CA LEU A 95 -7.51 3.90 -23.26
C LEU A 95 -7.05 4.94 -24.29
N SER A 96 -5.87 5.51 -24.06
CA SER A 96 -5.20 6.43 -25.03
C SER A 96 -4.65 5.61 -26.20
N ALA A 97 -4.23 4.36 -25.96
CA ALA A 97 -3.63 3.49 -26.99
C ALA A 97 -4.43 2.19 -27.07
N SER A 98 -4.11 1.34 -28.03
CA SER A 98 -4.84 0.06 -28.29
C SER A 98 -4.62 -0.98 -27.16
N GLU A 99 -3.50 -0.96 -26.45
CA GLU A 99 -3.23 -2.00 -25.44
C GLU A 99 -3.17 -1.43 -24.01
N VAL A 100 -3.81 -2.15 -23.09
CA VAL A 100 -3.93 -1.80 -21.65
C VAL A 100 -2.56 -1.95 -21.00
N PRO A 101 -2.21 -1.07 -20.04
CA PRO A 101 -0.87 -1.10 -19.44
C PRO A 101 -0.61 -2.34 -18.56
N ILE A 102 0.56 -2.91 -18.80
CA ILE A 102 1.00 -4.17 -18.14
C ILE A 102 1.28 -3.95 -16.65
N MET A 103 1.41 -2.69 -16.20
CA MET A 103 1.67 -2.32 -14.78
C MET A 103 2.92 -3.07 -14.27
N ASP A 104 2.85 -3.83 -13.16
CA ASP A 104 3.98 -4.70 -12.75
C ASP A 104 3.70 -6.16 -13.12
N GLY A 105 2.78 -6.45 -14.07
CA GLY A 105 2.51 -7.81 -14.58
C GLY A 105 1.44 -8.56 -13.80
N SER A 106 1.00 -8.04 -12.66
CA SER A 106 -0.07 -8.68 -11.84
C SER A 106 -1.33 -7.80 -11.86
N ALA A 107 -2.37 -8.27 -11.19
CA ALA A 107 -3.62 -7.50 -10.98
C ALA A 107 -3.46 -6.59 -9.76
N GLY A 108 -2.26 -6.46 -9.19
CA GLY A 108 -2.01 -5.79 -7.88
C GLY A 108 -2.15 -4.27 -7.92
N PRO A 109 -1.62 -3.57 -8.95
CA PRO A 109 -1.72 -2.10 -9.07
C PRO A 109 -3.14 -1.56 -9.25
N PHE A 110 -3.94 -2.33 -9.99
CA PHE A 110 -5.39 -2.11 -10.19
C PHE A 110 -6.16 -2.38 -8.89
N VAL A 111 -5.80 -3.38 -8.11
CA VAL A 111 -6.47 -3.67 -6.81
C VAL A 111 -6.24 -2.48 -5.89
N PHE A 112 -4.98 -2.02 -5.83
CA PHE A 112 -4.55 -0.89 -4.97
C PHE A 112 -5.18 0.41 -5.44
N LEU A 113 -5.31 0.57 -6.76
CA LEU A 113 -6.02 1.72 -7.36
C LEU A 113 -7.50 1.69 -6.99
N ILE A 114 -8.17 0.53 -7.12
CA ILE A 114 -9.64 0.40 -6.85
C ILE A 114 -9.92 0.45 -5.34
N GLN A 115 -9.07 -0.16 -4.53
CA GLN A 115 -9.31 -0.16 -3.07
C GLN A 115 -9.26 1.28 -2.52
N SER A 116 -8.33 2.10 -3.02
CA SER A 116 -8.12 3.50 -2.56
C SER A 116 -9.30 4.38 -2.99
N ALA A 117 -9.72 4.29 -4.26
CA ALA A 117 -10.85 5.07 -4.81
C ALA A 117 -12.15 4.65 -4.12
N GLY A 118 -12.38 3.34 -3.96
CA GLY A 118 -13.56 2.85 -3.22
C GLY A 118 -14.71 2.35 -4.08
N LEU A 119 -15.54 1.51 -3.47
CA LEU A 119 -16.64 0.76 -4.12
C LEU A 119 -17.94 1.47 -3.77
N GLN A 120 -18.89 1.56 -4.71
CA GLN A 120 -20.22 2.14 -4.43
C GLN A 120 -21.33 1.13 -4.74
N GLU A 121 -22.24 0.87 -3.81
CA GLU A 121 -23.36 -0.07 -4.05
C GLU A 121 -24.47 0.68 -4.79
N GLN A 122 -25.37 -0.05 -5.40
CA GLN A 122 -26.38 0.56 -6.31
C GLN A 122 -27.71 -0.12 -6.10
N GLU A 123 -28.81 0.56 -6.33
CA GLU A 123 -30.14 -0.03 -6.03
C GLU A 123 -30.54 -0.93 -7.20
N ALA A 124 -29.91 -2.08 -7.28
CA ALA A 124 -30.25 -3.13 -8.27
C ALA A 124 -29.62 -4.42 -7.78
N ALA A 125 -30.32 -5.52 -7.96
CA ALA A 125 -29.82 -6.85 -7.59
C ALA A 125 -28.69 -7.22 -8.56
N LYS A 126 -27.68 -7.91 -8.04
CA LYS A 126 -26.52 -8.34 -8.85
C LYS A 126 -26.84 -9.68 -9.49
N LYS A 127 -26.84 -9.71 -10.80
CA LYS A 127 -27.16 -10.96 -11.54
C LYS A 127 -25.95 -11.88 -11.48
N PHE A 128 -26.24 -13.15 -11.32
CA PHE A 128 -25.25 -14.25 -11.31
C PHE A 128 -25.69 -15.26 -12.34
N ILE A 129 -24.74 -15.93 -12.96
CA ILE A 129 -25.05 -17.06 -13.87
C ILE A 129 -24.71 -18.33 -13.09
N ARG A 130 -25.73 -19.11 -12.77
CA ARG A 130 -25.57 -20.35 -11.98
C ARG A 130 -25.44 -21.54 -12.92
N ILE A 131 -24.47 -22.41 -12.69
CA ILE A 131 -24.13 -23.52 -13.64
C ILE A 131 -24.96 -24.74 -13.26
N LYS A 132 -25.95 -25.10 -14.09
CA LYS A 132 -26.89 -26.21 -13.80
C LYS A 132 -26.27 -27.58 -14.10
N ARG A 133 -25.55 -27.74 -15.22
CA ARG A 133 -24.88 -29.02 -15.57
C ARG A 133 -23.55 -28.75 -16.29
N GLU A 134 -22.66 -29.73 -16.23
CA GLU A 134 -21.25 -29.62 -16.70
C GLU A 134 -21.20 -29.22 -18.18
N VAL A 135 -20.30 -28.31 -18.51
CA VAL A 135 -19.98 -27.89 -19.90
C VAL A 135 -18.46 -28.01 -20.06
N SER A 136 -18.00 -28.43 -21.23
CA SER A 136 -16.56 -28.75 -21.48
C SER A 136 -16.14 -28.34 -22.88
N VAL A 137 -14.83 -28.22 -23.08
CA VAL A 137 -14.21 -28.04 -24.42
C VAL A 137 -12.81 -28.64 -24.42
N GLU A 138 -12.45 -29.27 -25.54
CA GLU A 138 -11.10 -29.86 -25.72
C GLU A 138 -10.49 -29.23 -26.94
N GLU A 139 -9.20 -28.98 -26.89
CA GLU A 139 -8.41 -28.62 -28.07
C GLU A 139 -7.10 -29.37 -27.92
N GLY A 140 -6.92 -30.43 -28.70
CA GLY A 140 -5.75 -31.31 -28.60
C GLY A 140 -5.46 -31.71 -27.15
N ASP A 141 -4.32 -31.25 -26.61
CA ASP A 141 -3.79 -31.66 -25.28
C ASP A 141 -4.26 -30.72 -24.17
N LYS A 142 -5.00 -29.64 -24.50
CA LYS A 142 -5.47 -28.63 -23.52
C LYS A 142 -6.97 -28.80 -23.32
N ARG A 143 -7.48 -28.54 -22.11
CA ARG A 143 -8.88 -28.92 -21.76
C ARG A 143 -9.49 -27.89 -20.79
N ALA A 144 -10.80 -27.69 -20.81
CA ALA A 144 -11.41 -26.69 -19.89
C ALA A 144 -12.83 -27.10 -19.57
N VAL A 145 -13.34 -26.72 -18.41
CA VAL A 145 -14.67 -27.24 -17.97
C VAL A 145 -15.35 -26.35 -16.95
N PHE A 146 -16.67 -26.29 -17.04
CA PHE A 146 -17.52 -25.65 -16.03
C PHE A 146 -18.31 -26.79 -15.39
N VAL A 147 -18.37 -26.79 -14.08
CA VAL A 147 -19.05 -27.85 -13.29
C VAL A 147 -19.73 -27.16 -12.13
N PRO A 148 -20.87 -27.65 -11.63
CA PRO A 148 -21.51 -27.14 -10.40
C PRO A 148 -20.68 -27.10 -9.11
N PHE A 149 -20.78 -26.01 -8.36
CA PHE A 149 -20.17 -25.83 -7.02
C PHE A 149 -21.02 -24.79 -6.30
N ASP A 150 -21.19 -24.90 -4.99
CA ASP A 150 -22.03 -23.92 -4.24
C ASP A 150 -21.15 -22.73 -3.80
N GLY A 151 -20.82 -21.86 -4.77
CA GLY A 151 -19.85 -20.75 -4.62
C GLY A 151 -19.03 -20.63 -5.88
N PHE A 152 -17.88 -19.97 -5.85
CA PHE A 152 -17.01 -19.95 -7.05
C PHE A 152 -15.67 -20.57 -6.70
N LYS A 153 -15.27 -21.57 -7.46
CA LYS A 153 -13.98 -22.25 -7.23
C LYS A 153 -13.23 -22.38 -8.55
N VAL A 154 -11.96 -22.01 -8.55
CA VAL A 154 -11.12 -22.14 -9.76
C VAL A 154 -10.04 -23.13 -9.40
N SER A 155 -9.98 -24.23 -10.12
CA SER A 155 -8.88 -25.21 -9.94
C SER A 155 -8.05 -25.19 -11.21
N PHE A 156 -6.77 -25.44 -11.09
CA PHE A 156 -5.88 -25.37 -12.26
C PHE A 156 -4.76 -26.37 -12.15
N GLU A 157 -4.25 -26.78 -13.30
CA GLU A 157 -3.20 -27.83 -13.39
C GLU A 157 -2.46 -27.68 -14.72
N ILE A 158 -1.15 -27.59 -14.70
CA ILE A 158 -0.41 -27.28 -15.94
C ILE A 158 0.89 -28.05 -16.04
N ASP A 159 1.09 -28.64 -17.22
CA ASP A 159 2.26 -29.47 -17.57
C ASP A 159 3.29 -28.61 -18.28
N PHE A 160 3.86 -27.61 -17.61
CA PHE A 160 5.04 -26.88 -18.12
C PHE A 160 6.15 -27.89 -18.37
N ASP A 161 6.91 -27.68 -19.44
CA ASP A 161 7.96 -28.64 -19.88
C ASP A 161 9.30 -27.91 -19.79
N HIS A 162 9.66 -27.54 -18.57
CA HIS A 162 10.82 -26.67 -18.27
C HIS A 162 11.54 -27.27 -17.09
N PRO A 163 12.89 -27.09 -17.03
CA PRO A 163 13.77 -27.54 -15.95
C PRO A 163 13.57 -26.94 -14.55
N VAL A 164 13.10 -25.70 -14.51
CA VAL A 164 12.82 -24.92 -13.27
C VAL A 164 11.73 -25.61 -12.45
N PHE A 165 10.79 -26.27 -13.10
CA PHE A 165 9.63 -26.92 -12.43
C PHE A 165 10.01 -28.25 -11.77
N ARG A 166 11.23 -28.76 -12.01
CA ARG A 166 11.79 -30.05 -11.49
C ARG A 166 10.96 -31.24 -12.00
N GLY A 167 10.50 -31.16 -13.26
CA GLY A 167 9.77 -32.23 -13.95
C GLY A 167 8.36 -32.39 -13.45
N ARG A 168 8.00 -31.67 -12.38
CA ARG A 168 6.65 -31.71 -11.77
C ARG A 168 5.71 -30.80 -12.55
N THR A 169 4.42 -31.02 -12.33
CA THR A 169 3.33 -30.22 -12.90
C THR A 169 2.74 -29.42 -11.76
N GLN A 170 2.22 -28.25 -12.08
CA GLN A 170 1.79 -27.27 -11.05
C GLN A 170 0.29 -27.35 -10.83
N GLN A 171 -0.14 -27.25 -9.58
CA GLN A 171 -1.57 -27.37 -9.24
C GLN A 171 -1.92 -26.48 -8.04
N ALA A 172 -3.00 -25.70 -8.20
CA ALA A 172 -3.58 -24.81 -7.18
C ALA A 172 -5.11 -24.87 -7.34
N SER A 173 -5.84 -24.63 -6.27
CA SER A 173 -7.32 -24.74 -6.28
C SER A 173 -7.90 -23.74 -5.31
N VAL A 174 -8.39 -22.60 -5.81
CA VAL A 174 -8.82 -21.46 -4.96
C VAL A 174 -10.34 -21.37 -4.80
N ASP A 175 -10.76 -21.03 -3.59
CA ASP A 175 -12.18 -20.79 -3.24
C ASP A 175 -12.39 -19.28 -3.26
N PHE A 176 -13.31 -18.80 -4.09
CA PHE A 176 -13.42 -17.34 -4.37
C PHE A 176 -14.01 -16.55 -3.19
N SER A 177 -13.24 -15.53 -2.83
CA SER A 177 -13.46 -14.56 -1.74
C SER A 177 -12.79 -13.27 -2.23
N SER A 178 -13.22 -12.10 -1.76
CA SER A 178 -12.45 -10.86 -2.00
C SER A 178 -11.07 -11.02 -1.35
N THR A 179 -11.07 -11.49 -0.10
CA THR A 179 -9.85 -11.76 0.73
C THR A 179 -9.05 -12.89 0.11
N SER A 180 -9.76 -13.90 -0.38
CA SER A 180 -9.17 -15.09 -1.03
C SER A 180 -8.43 -14.62 -2.28
N PHE A 181 -9.03 -13.69 -3.01
CA PHE A 181 -8.47 -13.22 -4.30
C PHE A 181 -7.27 -12.29 -4.06
N VAL A 182 -7.42 -11.38 -3.12
CA VAL A 182 -6.38 -10.33 -2.86
C VAL A 182 -5.11 -11.01 -2.34
N LYS A 183 -5.23 -11.80 -1.28
CA LYS A 183 -4.03 -12.23 -0.54
C LYS A 183 -3.31 -13.38 -1.24
N GLU A 184 -4.00 -14.24 -2.00
CA GLU A 184 -3.30 -15.41 -2.59
C GLU A 184 -3.34 -15.46 -4.12
N VAL A 185 -4.18 -14.71 -4.84
CA VAL A 185 -4.19 -14.76 -6.34
C VAL A 185 -3.71 -13.46 -6.97
N SER A 186 -3.94 -12.30 -6.34
CA SER A 186 -3.83 -10.97 -7.01
C SER A 186 -2.39 -10.61 -7.43
N ARG A 187 -1.33 -10.97 -6.70
CA ARG A 187 0.03 -10.44 -7.00
C ARG A 187 0.82 -11.37 -7.94
N ALA A 188 0.16 -12.35 -8.57
CA ALA A 188 0.83 -13.36 -9.42
C ALA A 188 1.23 -12.75 -10.77
N ARG A 189 2.47 -12.29 -10.87
CA ARG A 189 3.00 -11.66 -12.11
C ARG A 189 2.95 -12.60 -13.31
N THR A 190 3.02 -12.00 -14.49
CA THR A 190 3.01 -12.74 -15.77
C THR A 190 4.41 -13.32 -15.95
N PHE A 191 4.55 -14.29 -16.81
CA PHE A 191 5.87 -14.95 -16.97
C PHE A 191 6.18 -15.10 -18.44
N GLY A 192 7.46 -14.99 -18.72
CA GLY A 192 8.03 -15.13 -20.05
C GLY A 192 9.17 -16.11 -19.94
N PHE A 193 9.37 -16.92 -20.96
CA PHE A 193 10.50 -17.87 -21.04
C PHE A 193 11.45 -17.34 -22.10
N MET A 194 12.76 -17.53 -21.97
CA MET A 194 13.69 -16.89 -22.93
C MET A 194 13.47 -17.39 -24.37
N ARG A 195 13.20 -18.69 -24.57
CA ARG A 195 12.95 -19.26 -25.92
C ARG A 195 11.86 -18.49 -26.70
N ASP A 196 10.68 -18.30 -26.12
CA ASP A 196 9.56 -17.60 -26.81
C ASP A 196 9.89 -16.12 -26.94
N ILE A 197 10.58 -15.56 -25.95
CA ILE A 197 10.82 -14.10 -25.83
C ILE A 197 11.75 -13.62 -26.96
N GLU A 198 12.73 -14.42 -27.38
CA GLU A 198 13.70 -14.00 -28.42
C GLU A 198 12.99 -13.65 -29.74
N TYR A 199 12.14 -14.51 -30.30
CA TYR A 199 11.60 -14.31 -31.67
C TYR A 199 10.61 -13.15 -31.72
N LEU A 200 9.93 -12.85 -30.60
CA LEU A 200 8.93 -11.72 -30.54
C LEU A 200 9.62 -10.36 -30.69
N ARG A 201 10.73 -10.11 -29.98
CA ARG A 201 11.36 -8.77 -29.85
C ARG A 201 12.10 -8.36 -31.14
N SER A 202 12.79 -9.31 -31.78
CA SER A 202 13.54 -9.12 -33.04
C SER A 202 12.58 -8.65 -34.13
N GLN A 203 11.31 -8.94 -33.93
CA GLN A 203 10.21 -8.59 -34.83
C GLN A 203 9.44 -7.38 -34.28
N ASN A 204 10.02 -6.68 -33.30
CA ASN A 204 9.37 -5.56 -32.57
C ASN A 204 7.99 -5.96 -32.01
N LEU A 205 7.87 -7.18 -31.52
CA LEU A 205 6.64 -7.68 -30.86
C LEU A 205 7.02 -8.08 -29.42
N ALA A 206 6.13 -7.84 -28.46
CA ALA A 206 6.35 -8.10 -27.01
C ALA A 206 7.50 -7.25 -26.47
N LEU A 207 7.71 -6.08 -27.08
CA LEU A 207 8.84 -5.16 -26.78
C LEU A 207 8.71 -4.60 -25.36
N GLY A 208 7.53 -4.70 -24.73
CA GLY A 208 7.19 -4.04 -23.46
C GLY A 208 7.68 -4.74 -22.18
N GLY A 209 7.80 -6.08 -22.18
CA GLY A 209 8.21 -6.87 -21.00
C GLY A 209 9.68 -6.76 -20.62
N SER A 210 9.94 -6.76 -19.31
CA SER A 210 11.30 -6.76 -18.70
C SER A 210 11.21 -7.31 -17.28
N VAL A 211 12.33 -7.33 -16.55
CA VAL A 211 12.32 -7.76 -15.11
C VAL A 211 11.40 -6.84 -14.32
N GLU A 212 11.24 -5.59 -14.76
CA GLU A 212 10.47 -4.59 -13.99
C GLU A 212 8.99 -4.95 -13.98
N ASN A 213 8.46 -5.60 -15.02
CA ASN A 213 7.01 -5.90 -15.05
C ASN A 213 6.70 -7.34 -15.43
N ALA A 214 7.68 -8.23 -15.45
CA ALA A 214 7.41 -9.63 -15.84
C ALA A 214 8.43 -10.60 -15.26
N ILE A 215 8.15 -11.89 -15.36
CA ILE A 215 9.12 -12.94 -14.94
C ILE A 215 9.85 -13.45 -16.15
N VAL A 216 11.15 -13.17 -16.15
CA VAL A 216 12.08 -13.58 -17.23
C VAL A 216 12.78 -14.84 -16.75
N VAL A 217 12.47 -15.94 -17.39
CA VAL A 217 12.95 -17.25 -16.91
C VAL A 217 13.92 -17.81 -17.93
N ASP A 218 15.07 -18.23 -17.41
CA ASP A 218 16.12 -18.92 -18.18
C ASP A 218 16.12 -20.38 -17.72
N GLU A 219 16.72 -21.25 -18.52
CA GLU A 219 16.74 -22.71 -18.23
C GLU A 219 17.23 -22.95 -16.79
N ASN A 220 18.29 -22.26 -16.37
CA ASN A 220 18.95 -22.55 -15.08
C ASN A 220 18.06 -22.18 -13.89
N ARG A 221 17.52 -20.97 -13.88
CA ARG A 221 16.58 -20.52 -12.82
C ARG A 221 15.95 -19.17 -13.19
N VAL A 222 15.03 -18.72 -12.34
CA VAL A 222 14.30 -17.44 -12.50
C VAL A 222 15.29 -16.29 -12.32
N LEU A 223 15.55 -15.54 -13.37
CA LEU A 223 16.62 -14.50 -13.39
C LEU A 223 16.30 -13.32 -12.48
N ASN A 224 15.03 -13.02 -12.22
CA ASN A 224 14.64 -11.88 -11.36
C ASN A 224 15.31 -12.03 -10.00
N GLU A 225 16.02 -11.00 -9.56
CA GLU A 225 16.94 -11.12 -8.39
C GLU A 225 16.17 -11.43 -7.10
N ASP A 226 14.85 -11.30 -7.07
CA ASP A 226 14.11 -11.61 -5.81
C ASP A 226 13.14 -12.77 -6.01
N GLY A 227 13.30 -13.54 -7.10
CA GLY A 227 12.61 -14.84 -7.30
C GLY A 227 11.09 -14.74 -7.44
N LEU A 228 10.34 -15.48 -6.64
CA LEU A 228 8.86 -15.53 -6.79
C LEU A 228 8.20 -14.92 -5.55
N ARG A 229 7.15 -14.16 -5.80
CA ARG A 229 6.30 -13.52 -4.77
C ARG A 229 5.63 -14.61 -3.94
N TYR A 230 5.17 -15.64 -4.62
CA TYR A 230 4.60 -16.83 -3.98
C TYR A 230 5.46 -18.01 -4.43
N GLU A 231 5.60 -19.04 -3.61
CA GLU A 231 6.22 -20.33 -4.03
C GLU A 231 5.45 -20.83 -5.26
N ASP A 232 4.16 -20.50 -5.29
CA ASP A 232 3.10 -21.00 -6.17
C ASP A 232 2.87 -20.13 -7.43
N GLU A 233 3.73 -19.15 -7.71
CA GLU A 233 3.39 -17.93 -8.52
C GLU A 233 2.87 -18.26 -9.93
N PHE A 234 3.52 -19.13 -10.69
CA PHE A 234 3.19 -19.34 -12.12
C PHE A 234 1.72 -19.74 -12.24
N VAL A 235 1.37 -20.81 -11.55
CA VAL A 235 0.04 -21.45 -11.68
C VAL A 235 -1.03 -20.52 -11.12
N LYS A 236 -0.78 -19.83 -10.02
CA LYS A 236 -1.77 -18.84 -9.47
C LYS A 236 -2.10 -17.82 -10.57
N HIS A 237 -1.09 -17.30 -11.26
CA HIS A 237 -1.31 -16.30 -12.34
C HIS A 237 -2.23 -16.86 -13.42
N LYS A 238 -2.02 -18.10 -13.80
CA LYS A 238 -2.86 -18.73 -14.83
C LYS A 238 -4.30 -18.71 -14.30
N ILE A 239 -4.46 -18.75 -12.98
CA ILE A 239 -5.78 -18.58 -12.31
C ILE A 239 -6.20 -17.11 -12.40
N LEU A 240 -5.25 -16.21 -12.22
CA LEU A 240 -5.49 -14.75 -12.35
C LEU A 240 -5.97 -14.45 -13.78
N ASP A 241 -5.38 -15.14 -14.75
CA ASP A 241 -5.72 -15.01 -16.19
C ASP A 241 -7.12 -15.54 -16.51
N ALA A 242 -7.48 -16.71 -16.00
CA ALA A 242 -8.76 -17.38 -16.34
C ALA A 242 -9.91 -16.56 -15.77
N ILE A 243 -9.73 -16.01 -14.57
CA ILE A 243 -10.81 -15.26 -13.87
C ILE A 243 -11.18 -14.07 -14.74
N GLY A 244 -10.17 -13.44 -15.35
CA GLY A 244 -10.31 -12.26 -16.22
C GLY A 244 -11.02 -12.54 -17.54
N ASP A 245 -10.82 -13.71 -18.12
CA ASP A 245 -11.45 -14.07 -19.41
C ASP A 245 -12.87 -14.58 -19.19
N LEU A 246 -13.13 -15.21 -18.07
CA LEU A 246 -14.49 -15.72 -17.76
C LEU A 246 -15.42 -14.54 -17.49
N TYR A 247 -14.89 -13.42 -17.02
CA TYR A 247 -15.69 -12.24 -16.62
C TYR A 247 -16.18 -11.49 -17.86
N LEU A 248 -15.77 -11.94 -19.03
CA LEU A 248 -16.30 -11.46 -20.32
C LEU A 248 -17.60 -12.21 -20.63
N LEU A 249 -18.07 -13.02 -19.70
CA LEU A 249 -19.46 -13.54 -19.71
C LEU A 249 -20.37 -12.36 -19.42
N GLY A 250 -19.83 -11.38 -18.69
CA GLY A 250 -20.50 -10.12 -18.36
C GLY A 250 -21.16 -10.23 -17.01
N ASN A 251 -21.16 -11.42 -16.44
CA ASN A 251 -21.80 -11.66 -15.14
C ASN A 251 -20.90 -12.54 -14.31
N SER A 252 -21.04 -12.44 -12.99
CA SER A 252 -20.32 -13.32 -12.07
C SER A 252 -20.86 -14.74 -12.17
N LEU A 253 -20.01 -15.71 -11.85
CA LEU A 253 -20.34 -17.15 -12.01
C LEU A 253 -20.51 -17.84 -10.66
N ILE A 254 -21.38 -18.84 -10.64
CA ILE A 254 -21.59 -19.66 -9.43
C ILE A 254 -21.39 -21.12 -9.82
N GLY A 255 -20.14 -21.47 -10.09
CA GLY A 255 -19.80 -22.84 -10.44
C GLY A 255 -18.32 -23.07 -10.26
N GLU A 256 -17.89 -24.33 -10.25
CA GLU A 256 -16.46 -24.63 -10.21
C GLU A 256 -15.96 -24.74 -11.64
N PHE A 257 -14.82 -24.13 -11.87
CA PHE A 257 -14.13 -24.15 -13.17
C PHE A 257 -12.83 -24.89 -13.00
N ARG A 258 -12.49 -25.74 -13.97
CA ARG A 258 -11.21 -26.47 -13.94
C ARG A 258 -10.50 -26.22 -15.26
N GLY A 259 -9.23 -25.85 -15.23
CA GLY A 259 -8.47 -25.66 -16.46
C GLY A 259 -7.28 -26.58 -16.44
N PHE A 260 -6.96 -27.19 -17.57
CA PHE A 260 -5.77 -28.06 -17.66
C PHE A 260 -5.01 -27.64 -18.90
N LYS A 261 -3.87 -27.00 -18.69
CA LYS A 261 -3.08 -26.37 -19.78
C LYS A 261 -4.03 -25.55 -20.66
N SER A 262 -4.99 -24.86 -20.06
CA SER A 262 -5.98 -24.05 -20.81
C SER A 262 -5.45 -22.62 -20.95
N GLY A 263 -5.73 -21.99 -22.09
CA GLY A 263 -5.24 -20.63 -22.38
C GLY A 263 -6.38 -19.67 -22.64
N HIS A 264 -6.06 -18.55 -23.27
CA HIS A 264 -7.04 -17.48 -23.56
C HIS A 264 -8.11 -18.03 -24.51
N ALA A 265 -7.66 -18.77 -25.52
CA ALA A 265 -8.47 -19.26 -26.65
C ALA A 265 -9.59 -20.14 -26.11
N LEU A 266 -9.21 -21.11 -25.31
CA LEU A 266 -10.16 -22.08 -24.71
C LEU A 266 -11.06 -21.35 -23.71
N ASN A 267 -10.51 -20.39 -22.96
CA ASN A 267 -11.31 -19.67 -21.93
C ASN A 267 -12.49 -18.99 -22.61
N ASN A 268 -12.21 -18.25 -23.69
CA ASN A 268 -13.25 -17.57 -24.48
C ASN A 268 -14.17 -18.64 -25.10
N GLN A 269 -13.59 -19.77 -25.51
CA GLN A 269 -14.33 -20.86 -26.18
C GLN A 269 -15.40 -21.42 -25.25
N LEU A 270 -15.05 -21.64 -23.99
CA LEU A 270 -16.01 -22.26 -23.04
C LEU A 270 -17.17 -21.30 -22.81
N LEU A 271 -16.91 -20.00 -22.77
CA LEU A 271 -17.97 -19.00 -22.54
C LEU A 271 -19.06 -19.16 -23.61
N ARG A 272 -18.67 -19.09 -24.87
CA ARG A 272 -19.62 -19.09 -26.00
C ARG A 272 -20.32 -20.43 -26.00
N THR A 273 -19.58 -21.49 -25.71
CA THR A 273 -20.11 -22.87 -25.69
C THR A 273 -21.16 -22.96 -24.59
N LEU A 274 -20.89 -22.29 -23.47
CA LEU A 274 -21.79 -22.23 -22.29
C LEU A 274 -23.10 -21.54 -22.65
N ILE A 275 -23.01 -20.33 -23.20
CA ILE A 275 -24.16 -19.42 -23.48
C ILE A 275 -25.13 -20.18 -24.38
N ALA A 276 -24.57 -20.88 -25.35
CA ALA A 276 -25.32 -21.66 -26.35
C ALA A 276 -26.10 -22.76 -25.65
N ASP A 277 -25.53 -23.31 -24.59
CA ASP A 277 -26.16 -24.39 -23.79
C ASP A 277 -27.08 -23.78 -22.74
N LYS A 278 -28.22 -23.25 -23.16
CA LYS A 278 -29.14 -22.49 -22.29
C LYS A 278 -29.63 -23.39 -21.16
N ASP A 279 -29.86 -24.67 -21.45
CA ASP A 279 -30.25 -25.70 -20.46
C ASP A 279 -29.20 -25.78 -19.36
N ALA A 280 -27.94 -25.55 -19.75
CA ALA A 280 -26.75 -25.60 -18.86
C ALA A 280 -26.83 -24.56 -17.73
N TRP A 281 -27.40 -23.38 -17.96
CA TRP A 281 -27.33 -22.31 -16.93
C TRP A 281 -28.65 -21.60 -16.69
N GLU A 282 -28.74 -20.93 -15.55
CA GLU A 282 -29.88 -20.04 -15.20
C GLU A 282 -29.34 -18.81 -14.49
N VAL A 283 -30.13 -17.74 -14.47
CA VAL A 283 -29.72 -16.48 -13.80
C VAL A 283 -30.25 -16.48 -12.37
N VAL A 284 -29.41 -16.06 -11.43
CA VAL A 284 -29.84 -15.97 -10.00
C VAL A 284 -29.24 -14.75 -9.32
N THR A 285 -30.06 -14.24 -8.40
CA THR A 285 -29.80 -13.06 -7.56
C THR A 285 -30.02 -13.51 -6.13
N PHE A 286 -29.54 -12.76 -5.15
CA PHE A 286 -29.66 -13.22 -3.75
C PHE A 286 -30.29 -12.16 -2.86
N GLU A 287 -31.17 -12.62 -1.98
CA GLU A 287 -31.94 -11.76 -1.05
C GLU A 287 -31.09 -11.36 0.15
N ASP A 288 -30.25 -12.25 0.64
CA ASP A 288 -29.40 -11.99 1.82
C ASP A 288 -27.96 -12.27 1.47
N ALA A 289 -27.03 -11.58 2.12
CA ALA A 289 -25.58 -11.87 2.02
C ALA A 289 -25.31 -13.31 2.52
N ARG A 290 -26.07 -13.78 3.51
CA ARG A 290 -25.93 -15.14 4.10
C ARG A 290 -26.37 -16.20 3.08
N THR A 291 -27.54 -16.04 2.45
CA THR A 291 -28.05 -17.02 1.45
C THR A 291 -26.98 -17.17 0.37
N ALA A 292 -26.43 -16.05 -0.06
CA ALA A 292 -25.42 -15.99 -1.13
C ALA A 292 -24.18 -16.74 -0.66
N PRO A 293 -23.59 -17.58 -1.51
CA PRO A 293 -22.39 -18.30 -1.11
C PRO A 293 -21.04 -17.60 -1.40
N ILE A 294 -21.05 -16.32 -1.76
CA ILE A 294 -19.79 -15.60 -2.10
C ILE A 294 -19.73 -14.29 -1.32
N SER A 295 -18.58 -14.00 -0.72
CA SER A 295 -18.36 -12.76 0.07
C SER A 295 -17.46 -11.77 -0.69
N TYR A 296 -17.97 -10.56 -0.91
CA TYR A 296 -17.19 -9.47 -1.54
C TYR A 296 -16.83 -8.44 -0.49
N MET A 297 -15.68 -7.78 -0.66
CA MET A 297 -15.16 -6.80 0.34
C MET A 297 -16.21 -5.70 0.50
N ARG A 298 -16.68 -5.49 1.72
CA ARG A 298 -17.83 -4.58 1.94
C ARG A 298 -17.42 -3.19 1.52
N PRO A 299 -18.29 -2.45 0.80
CA PRO A 299 -17.94 -1.14 0.24
C PRO A 299 -17.30 -0.18 1.26
N MET B 1 10.80 20.42 41.93
CA MET B 1 11.45 20.45 40.58
C MET B 1 10.54 19.82 39.53
N ILE B 2 11.00 19.81 38.28
CA ILE B 2 10.37 19.08 37.14
C ILE B 2 10.99 17.70 37.05
N LYS B 3 10.20 16.70 37.41
CA LYS B 3 10.69 15.33 37.62
C LYS B 3 10.72 14.62 36.27
N GLN B 4 11.54 13.59 36.14
CA GLN B 4 11.47 12.71 34.94
C GLN B 4 10.25 11.81 35.10
N ARG B 5 9.72 11.27 34.02
CA ARG B 5 8.47 10.46 34.08
C ARG B 5 8.66 9.16 33.32
N THR B 6 7.75 8.23 33.51
CA THR B 6 7.83 6.93 32.81
C THR B 6 6.43 6.35 32.67
N LEU B 7 6.34 5.12 32.19
CA LEU B 7 5.03 4.45 32.12
C LEU B 7 4.62 3.92 33.49
N LYS B 8 3.32 3.97 33.77
CA LYS B 8 2.80 3.48 35.06
C LYS B 8 2.40 2.02 34.94
N ASN B 9 2.18 1.52 33.72
CA ASN B 9 1.87 0.09 33.51
C ASN B 9 2.30 -0.33 32.12
N ILE B 10 2.20 -1.62 31.85
CA ILE B 10 2.67 -2.19 30.56
C ILE B 10 1.59 -1.98 29.50
N ILE B 11 1.99 -1.70 28.27
CA ILE B 11 1.05 -1.50 27.13
C ILE B 11 1.42 -2.44 26.00
N ARG B 12 0.41 -3.01 25.36
CA ARG B 12 0.67 -3.93 24.24
C ARG B 12 -0.20 -3.54 23.05
N ALA B 13 0.36 -3.66 21.87
CA ALA B 13 -0.27 -3.20 20.63
C ALA B 13 0.28 -4.04 19.50
N THR B 14 -0.52 -4.27 18.49
CA THR B 14 -0.10 -5.11 17.35
C THR B 14 -0.80 -4.60 16.10
N GLY B 15 0.00 -4.41 15.05
CA GLY B 15 -0.46 -4.01 13.71
C GLY B 15 0.54 -4.47 12.67
N VAL B 16 0.71 -3.72 11.58
CA VAL B 16 1.70 -4.09 10.52
C VAL B 16 2.64 -2.92 10.22
N GLY B 17 3.88 -3.25 9.89
CA GLY B 17 4.85 -2.27 9.39
C GLY B 17 4.43 -1.82 8.01
N LEU B 18 4.47 -0.52 7.76
CA LEU B 18 4.15 0.08 6.45
C LEU B 18 5.14 -0.39 5.39
N HIS B 19 6.43 -0.23 5.65
CA HIS B 19 7.47 -0.55 4.65
C HIS B 19 7.74 -2.04 4.64
N SER B 20 7.90 -2.65 5.80
CA SER B 20 8.25 -4.08 5.89
C SER B 20 7.04 -4.95 5.50
N GLY B 21 5.82 -4.58 5.91
CA GLY B 21 4.61 -5.36 5.61
C GLY B 21 4.47 -6.56 6.53
N GLU B 22 5.20 -6.54 7.66
CA GLU B 22 5.29 -7.66 8.64
C GLU B 22 4.51 -7.33 9.92
N LYS B 23 3.68 -8.28 10.34
CA LYS B 23 2.94 -8.21 11.63
C LYS B 23 3.95 -8.12 12.76
N VAL B 24 3.70 -7.26 13.72
CA VAL B 24 4.71 -6.93 14.75
C VAL B 24 4.00 -6.67 16.06
N TYR B 25 4.61 -7.06 17.17
CA TYR B 25 4.06 -6.80 18.52
C TYR B 25 4.94 -5.77 19.23
N LEU B 26 4.33 -4.73 19.76
CA LEU B 26 5.08 -3.64 20.44
C LEU B 26 4.73 -3.69 21.91
N THR B 27 5.72 -3.74 22.79
CA THR B 27 5.42 -3.64 24.22
C THR B 27 6.23 -2.49 24.78
N LEU B 28 5.58 -1.67 25.59
CA LEU B 28 6.24 -0.54 26.26
C LEU B 28 6.28 -0.89 27.73
N LYS B 29 7.45 -0.79 28.32
CA LYS B 29 7.61 -1.14 29.74
C LYS B 29 8.19 0.07 30.45
N PRO B 30 7.84 0.27 31.73
CA PRO B 30 8.50 1.27 32.55
C PRO B 30 10.02 1.06 32.62
N ALA B 31 10.77 2.14 32.78
CA ALA B 31 12.24 2.07 32.91
C ALA B 31 12.80 3.03 33.96
N PRO B 32 14.00 2.70 34.50
CA PRO B 32 14.73 3.51 35.48
C PRO B 32 15.11 4.91 35.00
N VAL B 33 15.27 5.82 35.95
CA VAL B 33 15.73 7.21 35.66
C VAL B 33 17.10 7.19 34.97
N ASP B 34 17.25 8.10 34.02
CA ASP B 34 18.44 8.37 33.17
C ASP B 34 18.60 7.24 32.15
N THR B 35 17.55 6.46 31.96
CA THR B 35 17.51 5.35 31.00
C THR B 35 17.35 5.87 29.57
N GLY B 36 16.39 6.77 29.37
CA GLY B 36 15.97 7.18 28.01
C GLY B 36 15.10 6.12 27.36
N ILE B 37 14.89 6.27 26.07
CA ILE B 37 14.06 5.32 25.26
C ILE B 37 14.99 4.28 24.67
N VAL B 38 14.74 3.01 24.94
CA VAL B 38 15.57 1.91 24.37
C VAL B 38 14.70 0.94 23.58
N PHE B 39 15.06 0.77 22.31
CA PHE B 39 14.38 -0.17 21.38
C PHE B 39 15.05 -1.52 21.52
N SER B 40 14.25 -2.54 21.72
CA SER B 40 14.77 -3.91 21.87
C SER B 40 14.04 -4.86 20.92
N ARG B 41 14.83 -5.74 20.32
CA ARG B 41 14.35 -6.77 19.38
C ARG B 41 14.35 -8.07 20.15
N THR B 42 13.18 -8.50 20.61
CA THR B 42 13.06 -9.68 21.50
C THR B 42 12.75 -10.95 20.71
N ASP B 43 12.79 -10.90 19.39
CA ASP B 43 12.65 -12.11 18.54
C ASP B 43 14.04 -12.69 18.24
N LEU B 44 15.09 -12.03 18.68
CA LEU B 44 16.47 -12.48 18.36
C LEU B 44 17.08 -13.12 19.61
N ASP B 45 18.00 -14.07 19.43
CA ASP B 45 18.74 -14.73 20.55
C ASP B 45 20.26 -14.52 20.42
N PRO B 46 20.90 -13.65 21.25
CA PRO B 46 20.28 -12.94 22.37
C PRO B 46 19.61 -11.65 21.92
N VAL B 47 18.80 -11.09 22.81
CA VAL B 47 18.04 -9.85 22.55
C VAL B 47 19.01 -8.73 22.17
N VAL B 48 18.72 -7.99 21.11
CA VAL B 48 19.55 -6.83 20.68
C VAL B 48 18.92 -5.52 21.16
N GLU B 49 19.64 -4.79 22.01
CA GLU B 49 19.16 -3.49 22.53
C GLU B 49 19.79 -2.36 21.71
N ILE B 50 18.97 -1.51 21.12
CA ILE B 50 19.46 -0.27 20.48
C ILE B 50 18.84 0.87 21.24
N PRO B 51 19.62 1.61 22.04
CA PRO B 51 19.04 2.81 22.63
C PRO B 51 18.68 3.82 21.54
N ALA B 52 17.73 4.73 21.78
CA ALA B 52 17.32 5.74 20.77
C ALA B 52 18.16 7.03 20.88
N ARG B 53 19.29 7.07 20.20
CA ARG B 53 20.21 8.24 20.19
C ARG B 53 20.45 8.66 18.75
N ALA B 54 20.92 9.88 18.56
CA ALA B 54 21.12 10.46 17.22
C ALA B 54 22.16 9.62 16.50
N GLU B 55 23.16 9.14 17.24
CA GLU B 55 24.32 8.45 16.63
C GLU B 55 23.91 7.03 16.19
N ASN B 56 22.77 6.51 16.64
CA ASN B 56 22.38 5.13 16.28
C ASN B 56 21.56 5.12 14.99
N VAL B 57 21.12 6.27 14.51
CA VAL B 57 20.32 6.39 13.25
C VAL B 57 21.27 6.18 12.08
N GLY B 58 21.07 5.11 11.32
CA GLY B 58 21.96 4.76 10.19
C GLY B 58 21.29 4.95 8.84
N GLU B 59 19.97 4.80 8.76
CA GLU B 59 19.22 4.85 7.48
C GLU B 59 18.08 5.86 7.65
N THR B 60 18.01 6.87 6.77
CA THR B 60 16.95 7.90 6.78
C THR B 60 16.19 7.87 5.45
N THR B 61 16.00 6.66 4.92
CA THR B 61 15.34 6.39 3.61
C THR B 61 13.84 6.24 3.82
N MET B 62 13.11 7.36 3.74
CA MET B 62 11.62 7.48 3.86
C MET B 62 11.09 7.10 5.26
N SER B 63 11.97 7.01 6.25
CA SER B 63 11.66 6.68 7.66
C SER B 63 12.93 6.88 8.47
N THR B 64 12.84 6.89 9.78
CA THR B 64 14.03 6.94 10.64
C THR B 64 14.36 5.54 11.12
N THR B 65 15.58 5.09 10.89
CA THR B 65 15.93 3.69 11.20
C THR B 65 17.14 3.65 12.11
N LEU B 66 17.07 2.89 13.20
CA LEU B 66 18.19 2.72 14.14
C LEU B 66 18.98 1.46 13.80
N VAL B 67 20.32 1.57 13.82
CA VAL B 67 21.24 0.44 13.44
C VAL B 67 22.26 0.16 14.55
N LYS B 68 22.28 -1.08 15.00
CA LYS B 68 23.43 -1.64 15.74
C LYS B 68 23.83 -2.87 14.94
N GLY B 69 24.93 -2.77 14.21
CA GLY B 69 25.40 -3.85 13.31
C GLY B 69 24.42 -4.15 12.18
N ASP B 70 24.01 -5.42 12.05
CA ASP B 70 23.15 -5.85 10.91
C ASP B 70 21.69 -5.87 11.40
N VAL B 71 21.44 -5.36 12.59
CA VAL B 71 20.07 -5.32 13.18
C VAL B 71 19.61 -3.88 13.22
N LYS B 72 18.41 -3.63 12.72
CA LYS B 72 17.90 -2.24 12.67
C LYS B 72 16.41 -2.20 12.98
N VAL B 73 15.98 -1.14 13.65
CA VAL B 73 14.56 -0.92 14.01
C VAL B 73 14.00 0.19 13.13
N ASP B 74 13.01 -0.15 12.30
CA ASP B 74 12.54 0.73 11.21
C ASP B 74 11.35 1.62 11.62
N THR B 75 11.21 2.78 10.97
CA THR B 75 10.10 3.76 11.13
C THR B 75 9.85 4.09 12.61
N VAL B 76 10.78 4.78 13.25
CA VAL B 76 10.64 5.10 14.71
C VAL B 76 9.93 6.43 15.02
N GLU B 77 9.73 7.35 14.08
CA GLU B 77 9.42 8.78 14.44
C GLU B 77 8.02 9.00 15.06
N HIS B 78 6.97 8.31 14.62
CA HIS B 78 5.62 8.60 15.15
C HIS B 78 5.58 8.32 16.65
N LEU B 79 6.00 7.11 17.03
CA LEU B 79 5.96 6.69 18.45
C LEU B 79 6.85 7.62 19.25
N LEU B 80 8.06 7.93 18.77
CA LEU B 80 9.01 8.74 19.58
C LEU B 80 8.46 10.14 19.82
N SER B 81 7.59 10.63 18.94
CA SER B 81 6.93 11.95 19.10
C SER B 81 5.78 11.92 20.11
N ALA B 82 5.00 10.85 20.15
CA ALA B 82 3.89 10.71 21.12
C ALA B 82 4.54 10.79 22.48
N MET B 83 5.55 9.95 22.64
CA MET B 83 6.32 9.89 23.90
C MET B 83 6.89 11.27 24.18
N ALA B 84 7.35 11.98 23.15
CA ALA B 84 7.84 13.38 23.30
C ALA B 84 6.69 14.28 23.70
N GLY B 85 5.52 14.07 23.08
CA GLY B 85 4.31 14.89 23.31
C GLY B 85 3.77 14.76 24.73
N LEU B 86 3.69 13.54 25.23
CA LEU B 86 3.17 13.28 26.59
C LEU B 86 4.34 13.37 27.57
N GLY B 87 5.54 13.61 27.06
CA GLY B 87 6.75 13.83 27.88
C GLY B 87 7.20 12.57 28.61
N ILE B 88 7.44 11.49 27.90
CA ILE B 88 7.98 10.27 28.51
C ILE B 88 9.48 10.34 28.35
N ASP B 89 10.22 10.50 29.44
CA ASP B 89 11.70 10.56 29.33
C ASP B 89 12.25 9.14 29.19
N ASN B 90 11.71 8.15 29.91
CA ASN B 90 12.30 6.78 29.95
C ASN B 90 11.28 5.66 29.77
N ALA B 91 11.45 4.81 28.76
CA ALA B 91 10.60 3.62 28.57
C ALA B 91 11.32 2.55 27.76
N TYR B 92 10.97 1.29 27.94
CA TYR B 92 11.54 0.18 27.12
C TYR B 92 10.55 -0.16 26.03
N VAL B 93 11.04 -0.25 24.80
CA VAL B 93 10.19 -0.57 23.63
C VAL B 93 10.71 -1.86 23.04
N GLU B 94 9.89 -2.89 23.00
CA GLU B 94 10.37 -4.19 22.49
C GLU B 94 9.59 -4.53 21.24
N LEU B 95 10.27 -4.90 20.17
CA LEU B 95 9.56 -5.23 18.90
C LEU B 95 9.72 -6.72 18.58
N SER B 96 8.66 -7.32 18.06
CA SER B 96 8.70 -8.69 17.51
C SER B 96 9.41 -8.69 16.15
N ALA B 97 9.21 -7.69 15.28
CA ALA B 97 9.80 -7.65 13.93
C ALA B 97 10.73 -6.44 13.82
N SER B 98 11.27 -6.14 12.63
CA SER B 98 12.23 -5.01 12.44
C SER B 98 11.52 -3.64 12.37
N GLU B 99 10.22 -3.59 12.07
CA GLU B 99 9.55 -2.27 11.91
C GLU B 99 8.46 -2.05 12.96
N VAL B 100 8.40 -0.81 13.43
CA VAL B 100 7.39 -0.37 14.43
C VAL B 100 6.07 -0.26 13.70
N PRO B 101 4.95 -0.66 14.33
CA PRO B 101 3.68 -0.66 13.61
C PRO B 101 3.17 0.75 13.29
N ILE B 102 2.76 0.89 12.04
CA ILE B 102 2.24 2.15 11.46
C ILE B 102 0.93 2.55 12.15
N MET B 103 0.22 1.57 12.73
CA MET B 103 -1.05 1.79 13.47
C MET B 103 -2.06 2.42 12.49
N ASP B 104 -2.59 3.62 12.76
CA ASP B 104 -3.44 4.32 11.76
C ASP B 104 -2.69 5.48 11.08
N GLY B 105 -1.35 5.48 11.07
CA GLY B 105 -0.53 6.49 10.33
C GLY B 105 -0.14 7.71 11.17
N SER B 106 -0.65 7.83 12.39
CA SER B 106 -0.40 8.98 13.27
C SER B 106 0.07 8.50 14.64
N ALA B 107 0.37 9.45 15.52
CA ALA B 107 0.76 9.22 16.92
C ALA B 107 -0.50 9.14 17.80
N GLY B 108 -1.70 9.03 17.22
CA GLY B 108 -2.99 9.00 17.96
C GLY B 108 -3.17 7.75 18.82
N PRO B 109 -2.90 6.54 18.27
CA PRO B 109 -3.08 5.27 18.99
C PRO B 109 -2.16 5.10 20.20
N PHE B 110 -0.92 5.54 20.04
CA PHE B 110 0.11 5.55 21.12
C PHE B 110 -0.26 6.54 22.23
N VAL B 111 -0.81 7.69 21.86
CA VAL B 111 -1.25 8.71 22.85
C VAL B 111 -2.36 8.07 23.68
N PHE B 112 -3.31 7.45 22.99
CA PHE B 112 -4.47 6.78 23.62
C PHE B 112 -4.01 5.62 24.49
N LEU B 113 -3.03 4.85 24.02
CA LEU B 113 -2.46 3.71 24.79
C LEU B 113 -1.76 4.25 26.06
N ILE B 114 -0.96 5.32 25.93
CA ILE B 114 -0.15 5.87 27.05
C ILE B 114 -1.06 6.64 28.02
N GLN B 115 -2.00 7.40 27.51
CA GLN B 115 -2.89 8.16 28.41
C GLN B 115 -3.71 7.18 29.25
N SER B 116 -4.08 6.04 28.66
CA SER B 116 -4.86 4.94 29.30
C SER B 116 -4.04 4.27 30.40
N ALA B 117 -2.78 3.94 30.10
CA ALA B 117 -1.87 3.25 31.05
C ALA B 117 -1.41 4.19 32.17
N GLY B 118 -1.03 5.43 31.84
CA GLY B 118 -0.64 6.44 32.85
C GLY B 118 0.85 6.76 32.89
N LEU B 119 1.16 7.96 33.38
CA LEU B 119 2.53 8.53 33.51
C LEU B 119 2.93 8.38 34.97
N GLN B 120 4.16 8.01 35.25
CA GLN B 120 4.64 7.95 36.66
C GLN B 120 5.83 8.89 36.86
N GLU B 121 5.75 9.80 37.83
CA GLU B 121 6.86 10.73 38.12
C GLU B 121 7.94 9.96 38.89
N GLN B 122 9.17 10.39 38.72
CA GLN B 122 10.35 9.71 39.27
C GLN B 122 11.13 10.76 40.03
N GLU B 123 11.69 10.44 41.19
CA GLU B 123 12.46 11.46 41.95
C GLU B 123 13.81 11.66 41.27
N ALA B 124 13.82 12.43 40.20
CA ALA B 124 15.05 12.81 39.48
C ALA B 124 14.76 14.09 38.73
N ALA B 125 15.71 15.01 38.68
CA ALA B 125 15.59 16.25 37.89
C ALA B 125 15.52 15.88 36.42
N LYS B 126 14.63 16.52 35.67
CA LYS B 126 14.53 16.28 34.20
C LYS B 126 15.52 17.20 33.48
N LYS B 127 16.52 16.60 32.84
CA LYS B 127 17.51 17.39 32.07
C LYS B 127 16.84 17.92 30.81
N PHE B 128 17.26 19.12 30.41
CA PHE B 128 16.84 19.79 29.17
C PHE B 128 18.09 20.17 28.39
N ILE B 129 17.93 20.41 27.11
CA ILE B 129 19.01 20.98 26.28
C ILE B 129 18.55 22.36 25.87
N ARG B 130 19.32 23.37 26.21
CA ARG B 130 18.91 24.77 25.96
C ARG B 130 19.71 25.25 24.77
N ILE B 131 19.04 25.81 23.77
CA ILE B 131 19.69 26.25 22.50
C ILE B 131 20.18 27.68 22.71
N LYS B 132 21.50 27.86 22.76
CA LYS B 132 22.13 29.18 23.06
C LYS B 132 22.37 30.01 21.79
N ARG B 133 22.61 29.38 20.65
CA ARG B 133 22.81 30.15 19.39
C ARG B 133 22.25 29.31 18.24
N GLU B 134 21.92 29.98 17.14
CA GLU B 134 21.34 29.33 15.94
C GLU B 134 22.29 28.24 15.43
N VAL B 135 21.72 27.14 14.96
CA VAL B 135 22.48 26.07 14.26
C VAL B 135 21.69 25.75 13.01
N SER B 136 22.38 25.56 11.87
CA SER B 136 21.73 25.41 10.55
C SER B 136 22.34 24.25 9.78
N VAL B 137 21.57 23.66 8.88
CA VAL B 137 22.08 22.65 7.91
C VAL B 137 21.29 22.74 6.60
N GLU B 138 21.98 22.50 5.50
CA GLU B 138 21.40 22.65 4.15
C GLU B 138 21.79 21.46 3.30
N GLU B 139 20.97 21.22 2.29
CA GLU B 139 21.20 20.17 1.28
C GLU B 139 20.45 20.64 0.04
N GLY B 140 21.14 21.39 -0.82
CA GLY B 140 20.51 22.02 -2.00
C GLY B 140 19.34 22.90 -1.59
N ASP B 141 18.13 22.59 -2.07
CA ASP B 141 16.89 23.38 -1.80
C ASP B 141 16.47 23.30 -0.31
N LYS B 142 16.57 22.13 0.34
CA LYS B 142 16.06 21.95 1.73
C LYS B 142 16.96 22.61 2.76
N ARG B 143 16.39 22.93 3.91
CA ARG B 143 17.10 23.62 5.03
C ARG B 143 16.44 23.30 6.37
N ALA B 144 17.23 23.19 7.44
CA ALA B 144 16.70 22.98 8.80
C ALA B 144 17.56 23.79 9.78
N VAL B 145 16.99 24.22 10.89
CA VAL B 145 17.72 25.17 11.80
C VAL B 145 17.09 25.23 13.19
N PHE B 146 17.93 25.19 14.22
CA PHE B 146 17.53 25.47 15.62
C PHE B 146 17.80 26.93 15.89
N VAL B 147 16.95 27.55 16.70
CA VAL B 147 17.10 28.97 17.09
C VAL B 147 16.62 29.07 18.51
N PRO B 148 17.19 29.98 19.34
CA PRO B 148 16.68 30.23 20.69
C PRO B 148 15.19 30.55 20.88
N PHE B 149 14.58 29.93 21.89
CA PHE B 149 13.18 30.19 22.26
C PHE B 149 13.06 29.91 23.75
N ASP B 150 12.20 30.68 24.41
CA ASP B 150 11.88 30.52 25.84
C ASP B 150 10.72 29.52 25.97
N GLY B 151 10.97 28.26 25.59
CA GLY B 151 9.97 27.19 25.43
C GLY B 151 10.29 26.35 24.21
N PHE B 152 9.37 25.55 23.70
CA PHE B 152 9.67 24.78 22.47
C PHE B 152 8.64 25.13 21.42
N LYS B 153 9.11 25.46 20.24
CA LYS B 153 8.22 25.84 19.13
C LYS B 153 8.70 25.19 17.85
N VAL B 154 7.80 24.57 17.13
CA VAL B 154 8.15 23.93 15.84
C VAL B 154 7.44 24.73 14.76
N SER B 155 8.17 25.13 13.75
CA SER B 155 7.57 25.84 12.61
C SER B 155 8.02 25.16 11.35
N PHE B 156 7.15 25.14 10.34
CA PHE B 156 7.42 24.34 9.13
C PHE B 156 6.83 25.02 7.91
N GLU B 157 7.43 24.70 6.77
CA GLU B 157 7.08 25.36 5.49
C GLU B 157 7.44 24.42 4.35
N ILE B 158 6.51 24.11 3.47
CA ILE B 158 6.88 23.14 2.41
C ILE B 158 6.24 23.48 1.07
N ASP B 159 7.08 23.39 0.05
CA ASP B 159 6.70 23.55 -1.37
C ASP B 159 6.35 22.15 -1.84
N PHE B 160 5.08 21.82 -1.84
CA PHE B 160 4.64 20.60 -2.51
C PHE B 160 4.30 21.02 -3.92
N ASP B 161 4.94 20.42 -4.91
CA ASP B 161 4.66 20.72 -6.33
C ASP B 161 3.55 19.76 -6.79
N HIS B 162 2.36 19.93 -6.25
CA HIS B 162 1.21 19.04 -6.50
C HIS B 162 -0.05 19.88 -6.68
N PRO B 163 -0.96 19.43 -7.58
CA PRO B 163 -2.26 20.08 -7.84
C PRO B 163 -3.24 20.26 -6.68
N VAL B 164 -3.27 19.30 -5.75
CA VAL B 164 -4.13 19.36 -4.54
C VAL B 164 -3.85 20.63 -3.73
N PHE B 165 -2.59 21.07 -3.66
CA PHE B 165 -2.16 22.21 -2.82
C PHE B 165 -2.49 23.58 -3.45
N ARG B 166 -3.03 23.60 -4.68
CA ARG B 166 -3.53 24.81 -5.39
C ARG B 166 -2.36 25.77 -5.66
N GLY B 167 -1.19 25.19 -5.95
CA GLY B 167 0.05 25.92 -6.28
C GLY B 167 0.68 26.51 -5.04
N ARG B 168 -0.06 26.57 -3.94
CA ARG B 168 0.40 27.19 -2.68
C ARG B 168 1.34 26.25 -1.93
N THR B 169 2.14 26.85 -1.07
CA THR B 169 3.07 26.17 -0.14
C THR B 169 2.39 26.18 1.22
N GLN B 170 2.76 25.22 2.07
CA GLN B 170 2.05 24.98 3.34
C GLN B 170 2.89 25.43 4.53
N GLN B 171 2.27 26.17 5.45
CA GLN B 171 2.99 26.72 6.61
C GLN B 171 2.12 26.57 7.85
N ALA B 172 2.72 26.06 8.92
CA ALA B 172 2.10 25.99 10.26
C ALA B 172 3.20 26.13 11.30
N SER B 173 2.90 26.72 12.44
CA SER B 173 3.90 27.01 13.49
C SER B 173 3.25 26.76 14.85
N VAL B 174 3.82 25.86 15.64
CA VAL B 174 3.14 25.30 16.84
C VAL B 174 3.91 25.59 18.12
N ASP B 175 3.19 26.06 19.12
CA ASP B 175 3.76 26.36 20.45
C ASP B 175 3.60 25.12 21.34
N PHE B 176 4.68 24.39 21.60
CA PHE B 176 4.60 23.03 22.20
C PHE B 176 4.06 23.03 23.65
N SER B 177 3.10 22.12 23.86
CA SER B 177 2.53 21.71 25.17
C SER B 177 1.94 20.31 25.00
N SER B 178 1.68 19.61 26.09
CA SER B 178 0.93 18.32 26.08
C SER B 178 -0.38 18.49 25.30
N THR B 179 -1.17 19.51 25.67
CA THR B 179 -2.50 19.82 25.08
C THR B 179 -2.36 20.31 23.64
N SER B 180 -1.34 21.14 23.39
CA SER B 180 -1.03 21.70 22.05
C SER B 180 -0.75 20.54 21.11
N PHE B 181 0.14 19.64 21.54
CA PHE B 181 0.62 18.54 20.68
C PHE B 181 -0.53 17.58 20.39
N VAL B 182 -1.28 17.22 21.44
CA VAL B 182 -2.36 16.21 21.37
C VAL B 182 -3.50 16.68 20.47
N LYS B 183 -3.95 17.92 20.60
CA LYS B 183 -5.17 18.34 19.90
C LYS B 183 -4.88 19.06 18.58
N GLU B 184 -3.64 19.45 18.30
CA GLU B 184 -3.32 20.12 17.01
C GLU B 184 -2.43 19.24 16.14
N VAL B 185 -1.47 18.51 16.72
CA VAL B 185 -0.41 17.84 15.92
C VAL B 185 -0.64 16.33 15.90
N SER B 186 -1.12 15.73 16.99
CA SER B 186 -1.00 14.26 17.20
C SER B 186 -1.78 13.41 16.19
N ARG B 187 -2.95 13.81 15.69
CA ARG B 187 -3.76 12.90 14.83
C ARG B 187 -3.38 12.99 13.33
N ALA B 188 -2.33 13.72 12.99
CA ALA B 188 -1.96 14.01 11.58
C ALA B 188 -1.34 12.77 10.93
N ARG B 189 -2.08 12.13 10.03
CA ARG B 189 -1.64 10.90 9.31
C ARG B 189 -0.50 11.14 8.33
N THR B 190 0.12 10.02 7.95
CA THR B 190 1.22 9.99 6.96
C THR B 190 0.58 10.14 5.59
N PHE B 191 1.34 10.61 4.62
CA PHE B 191 0.77 10.86 3.28
C PHE B 191 1.53 10.04 2.25
N GLY B 192 0.79 9.55 1.28
CA GLY B 192 1.34 8.84 0.12
C GLY B 192 0.81 9.45 -1.15
N PHE B 193 1.68 9.70 -2.11
CA PHE B 193 1.31 10.18 -3.46
C PHE B 193 1.35 8.97 -4.39
N MET B 194 0.45 8.90 -5.36
CA MET B 194 0.37 7.70 -6.24
C MET B 194 1.65 7.48 -7.03
N ARG B 195 2.27 8.55 -7.53
CA ARG B 195 3.58 8.52 -8.24
C ARG B 195 4.65 7.74 -7.45
N ASP B 196 4.85 8.04 -6.17
CA ASP B 196 5.89 7.36 -5.35
C ASP B 196 5.45 5.95 -4.98
N ILE B 197 4.15 5.73 -4.73
CA ILE B 197 3.62 4.44 -4.19
C ILE B 197 3.88 3.29 -5.18
N GLU B 198 3.83 3.54 -6.50
CA GLU B 198 3.96 2.50 -7.56
C GLU B 198 5.35 1.83 -7.55
N TYR B 199 6.46 2.57 -7.59
CA TYR B 199 7.80 1.92 -7.72
C TYR B 199 8.14 1.11 -6.48
N LEU B 200 7.75 1.57 -5.29
CA LEU B 200 8.01 0.86 -4.00
C LEU B 200 7.26 -0.48 -3.97
N ARG B 201 5.96 -0.44 -4.28
CA ARG B 201 5.05 -1.60 -4.15
C ARG B 201 5.43 -2.64 -5.21
N SER B 202 5.82 -2.13 -6.38
CA SER B 202 6.27 -2.87 -7.58
C SER B 202 7.45 -3.77 -7.20
N GLN B 203 8.38 -3.18 -6.44
CA GLN B 203 9.64 -3.84 -6.00
C GLN B 203 9.53 -4.30 -4.54
N ASN B 204 8.31 -4.34 -3.98
CA ASN B 204 7.95 -4.90 -2.63
C ASN B 204 8.43 -4.07 -1.43
N LEU B 205 8.59 -2.76 -1.55
CA LEU B 205 8.71 -1.83 -0.39
C LEU B 205 7.39 -1.05 -0.27
N ALA B 206 7.02 -0.66 0.96
CA ALA B 206 5.85 0.19 1.28
C ALA B 206 4.58 -0.63 1.11
N LEU B 207 4.70 -1.95 1.25
CA LEU B 207 3.59 -2.88 0.94
C LEU B 207 2.49 -2.73 2.00
N GLY B 208 2.79 -2.13 3.15
CA GLY B 208 1.90 -2.10 4.33
C GLY B 208 0.98 -0.90 4.41
N GLY B 209 1.04 0.04 3.46
CA GLY B 209 0.22 1.26 3.40
C GLY B 209 -1.03 1.08 2.58
N SER B 210 -2.16 1.57 3.10
CA SER B 210 -3.48 1.53 2.42
C SER B 210 -4.30 2.72 2.91
N VAL B 211 -5.52 2.85 2.40
CA VAL B 211 -6.48 3.88 2.89
C VAL B 211 -6.69 3.70 4.38
N GLU B 212 -6.54 2.48 4.89
CA GLU B 212 -6.85 2.20 6.30
C GLU B 212 -5.84 2.87 7.22
N ASN B 213 -4.62 3.17 6.78
CA ASN B 213 -3.62 3.75 7.71
C ASN B 213 -2.78 4.85 7.06
N ALA B 214 -3.28 5.50 6.01
CA ALA B 214 -2.51 6.57 5.34
C ALA B 214 -3.40 7.49 4.51
N ILE B 215 -2.86 8.63 4.09
CA ILE B 215 -3.56 9.45 3.08
C ILE B 215 -3.07 8.99 1.70
N VAL B 216 -4.00 8.57 0.88
CA VAL B 216 -3.68 8.18 -0.53
C VAL B 216 -4.09 9.33 -1.42
N VAL B 217 -3.12 9.90 -2.10
CA VAL B 217 -3.39 11.13 -2.87
C VAL B 217 -3.18 10.87 -4.35
N ASP B 218 -4.19 11.30 -5.09
CA ASP B 218 -4.30 11.18 -6.55
C ASP B 218 -4.23 12.59 -7.13
N GLU B 219 -3.92 12.70 -8.41
CA GLU B 219 -3.78 14.02 -9.09
C GLU B 219 -5.03 14.83 -8.78
N ASN B 220 -6.21 14.23 -8.95
CA ASN B 220 -7.51 14.95 -8.91
C ASN B 220 -7.87 15.45 -7.50
N ARG B 221 -7.61 14.66 -6.46
CA ARG B 221 -7.84 15.10 -5.05
C ARG B 221 -7.38 13.98 -4.11
N VAL B 222 -7.71 14.12 -2.83
CA VAL B 222 -7.49 13.08 -1.79
C VAL B 222 -8.55 11.99 -1.95
N LEU B 223 -8.12 10.74 -2.13
CA LEU B 223 -9.06 9.64 -2.47
C LEU B 223 -9.76 9.09 -1.23
N ASN B 224 -9.21 9.29 -0.03
CA ASN B 224 -9.82 8.78 1.23
C ASN B 224 -11.24 9.34 1.36
N GLU B 225 -12.21 8.48 1.65
CA GLU B 225 -13.66 8.81 1.54
C GLU B 225 -14.06 9.89 2.54
N ASP B 226 -13.36 10.01 3.67
CA ASP B 226 -13.67 11.07 4.66
C ASP B 226 -12.64 12.20 4.59
N GLY B 227 -11.81 12.25 3.54
CA GLY B 227 -10.88 13.36 3.28
C GLY B 227 -9.83 13.54 4.37
N LEU B 228 -9.65 14.77 4.90
CA LEU B 228 -8.57 15.03 5.89
C LEU B 228 -9.15 15.29 7.29
N ARG B 229 -8.36 14.93 8.30
CA ARG B 229 -8.67 15.15 9.73
C ARG B 229 -8.54 16.64 10.05
N TYR B 230 -7.52 17.29 9.51
CA TYR B 230 -7.32 18.75 9.66
C TYR B 230 -7.31 19.35 8.26
N GLU B 231 -7.79 20.57 8.11
CA GLU B 231 -7.60 21.36 6.86
C GLU B 231 -6.10 21.34 6.53
N ASP B 232 -5.31 21.30 7.59
CA ASP B 232 -3.85 21.51 7.62
C ASP B 232 -3.06 20.18 7.62
N GLU B 233 -3.65 19.04 7.29
CA GLU B 233 -3.11 17.72 7.75
C GLU B 233 -1.69 17.45 7.26
N PHE B 234 -1.34 17.68 6.00
CA PHE B 234 -0.04 17.22 5.45
C PHE B 234 1.11 17.80 6.27
N VAL B 235 1.15 19.12 6.35
CA VAL B 235 2.28 19.86 6.98
C VAL B 235 2.31 19.55 8.48
N LYS B 236 1.16 19.54 9.17
CA LYS B 236 1.11 19.20 10.63
C LYS B 236 1.82 17.87 10.91
N HIS B 237 1.65 16.89 10.04
CA HIS B 237 2.34 15.58 10.16
C HIS B 237 3.86 15.76 10.02
N LYS B 238 4.28 16.55 9.06
CA LYS B 238 5.72 16.84 8.90
C LYS B 238 6.22 17.44 10.21
N ILE B 239 5.33 18.13 10.94
CA ILE B 239 5.62 18.64 12.30
C ILE B 239 5.73 17.47 13.28
N LEU B 240 4.79 16.54 13.21
CA LEU B 240 4.79 15.34 14.09
C LEU B 240 6.06 14.53 13.80
N ASP B 241 6.46 14.44 12.54
CA ASP B 241 7.69 13.72 12.11
C ASP B 241 8.94 14.34 12.73
N ALA B 242 9.10 15.65 12.70
CA ALA B 242 10.33 16.32 13.19
C ALA B 242 10.46 16.08 14.69
N ILE B 243 9.36 16.20 15.44
CA ILE B 243 9.42 16.09 16.92
C ILE B 243 10.00 14.72 17.26
N GLY B 244 9.63 13.70 16.49
CA GLY B 244 10.12 12.31 16.68
C GLY B 244 11.60 12.12 16.39
N ASP B 245 12.12 12.78 15.37
CA ASP B 245 13.55 12.66 15.00
C ASP B 245 14.39 13.47 15.96
N LEU B 246 13.83 14.57 16.47
CA LEU B 246 14.56 15.47 17.40
C LEU B 246 14.69 14.82 18.78
N TYR B 247 13.85 13.83 19.08
CA TYR B 247 13.79 13.20 20.42
C TYR B 247 14.81 12.06 20.51
N LEU B 248 15.51 11.81 19.41
CA LEU B 248 16.70 10.94 19.39
C LEU B 248 17.91 11.75 19.83
N LEU B 249 17.71 12.98 20.28
CA LEU B 249 18.76 13.69 21.01
C LEU B 249 18.91 13.08 22.40
N GLY B 250 17.78 12.62 22.96
CA GLY B 250 17.74 11.93 24.26
C GLY B 250 17.31 12.88 25.36
N ASN B 251 17.26 14.16 25.05
CA ASN B 251 16.86 15.16 26.05
C ASN B 251 15.88 16.10 25.37
N SER B 252 14.95 16.64 26.13
CA SER B 252 13.98 17.59 25.59
C SER B 252 14.72 18.87 25.18
N LEU B 253 14.19 19.55 24.17
CA LEU B 253 14.83 20.79 23.65
C LEU B 253 14.09 22.03 24.12
N ILE B 254 14.85 23.07 24.34
CA ILE B 254 14.26 24.41 24.56
C ILE B 254 14.86 25.30 23.51
N GLY B 255 14.01 25.76 22.61
CA GLY B 255 14.41 26.58 21.46
C GLY B 255 13.42 26.41 20.35
N GLU B 256 13.51 27.25 19.33
CA GLU B 256 12.59 27.15 18.19
C GLU B 256 13.29 26.40 17.09
N PHE B 257 12.51 25.65 16.35
CA PHE B 257 13.03 24.81 15.25
C PHE B 257 12.28 25.15 13.97
N ARG B 258 12.99 25.38 12.88
CA ARG B 258 12.31 25.71 11.60
C ARG B 258 12.71 24.71 10.53
N GLY B 259 11.71 24.21 9.81
CA GLY B 259 11.90 23.27 8.70
C GLY B 259 11.40 23.88 7.43
N PHE B 260 12.14 23.69 6.35
CA PHE B 260 11.77 24.19 5.01
C PHE B 260 11.98 23.02 4.08
N LYS B 261 10.91 22.27 3.82
CA LYS B 261 10.99 21.01 3.03
C LYS B 261 11.94 19.99 3.69
N SER B 262 12.18 20.08 5.00
CA SER B 262 13.14 19.19 5.71
C SER B 262 12.56 17.77 5.86
N GLY B 263 13.43 16.77 5.76
CA GLY B 263 13.05 15.37 5.92
C GLY B 263 13.89 14.71 7.00
N HIS B 264 13.85 13.39 7.02
CA HIS B 264 14.49 12.61 8.10
C HIS B 264 16.00 12.86 8.11
N ALA B 265 16.62 12.87 6.94
CA ALA B 265 18.10 12.96 6.80
C ALA B 265 18.58 14.26 7.44
N LEU B 266 17.97 15.37 7.05
CA LEU B 266 18.38 16.71 7.53
C LEU B 266 18.07 16.79 9.03
N ASN B 267 16.97 16.19 9.48
CA ASN B 267 16.60 16.21 10.92
C ASN B 267 17.74 15.60 11.71
N ASN B 268 18.20 14.44 11.27
CA ASN B 268 19.29 13.72 11.96
C ASN B 268 20.57 14.52 11.75
N GLN B 269 20.74 15.08 10.55
CA GLN B 269 21.94 15.85 10.20
C GLN B 269 22.05 17.04 11.15
N LEU B 270 20.91 17.66 11.42
CA LEU B 270 20.88 18.84 12.32
C LEU B 270 21.34 18.42 13.71
N LEU B 271 20.80 17.30 14.21
CA LEU B 271 21.06 16.83 15.59
C LEU B 271 22.58 16.67 15.77
N ARG B 272 23.23 15.95 14.87
CA ARG B 272 24.66 15.60 15.05
C ARG B 272 25.46 16.88 15.01
N THR B 273 25.09 17.79 14.12
CA THR B 273 25.82 19.06 13.95
C THR B 273 25.75 19.83 15.26
N LEU B 274 24.58 19.82 15.88
CA LEU B 274 24.29 20.57 17.13
C LEU B 274 25.20 20.09 18.27
N ILE B 275 25.32 18.78 18.42
CA ILE B 275 26.09 18.08 19.50
C ILE B 275 27.57 18.43 19.34
N ALA B 276 28.01 18.49 18.09
CA ALA B 276 29.39 18.89 17.76
C ALA B 276 29.64 20.33 18.23
N ASP B 277 28.67 21.21 17.99
CA ASP B 277 28.72 22.66 18.32
C ASP B 277 28.35 22.85 19.80
N LYS B 278 29.25 22.53 20.72
CA LYS B 278 28.96 22.60 22.18
C LYS B 278 28.83 24.06 22.67
N ASP B 279 29.39 25.03 21.96
CA ASP B 279 29.21 26.46 22.29
C ASP B 279 27.74 26.87 22.12
N ALA B 280 27.06 26.22 21.17
CA ALA B 280 25.65 26.45 20.78
C ALA B 280 24.70 26.11 21.93
N TRP B 281 24.96 25.06 22.70
CA TRP B 281 23.94 24.60 23.69
C TRP B 281 24.46 24.45 25.11
N GLU B 282 23.52 24.39 26.05
CA GLU B 282 23.81 24.11 27.47
C GLU B 282 22.71 23.22 28.08
N VAL B 283 23.05 22.54 29.16
CA VAL B 283 22.10 21.66 29.87
C VAL B 283 21.56 22.45 31.06
N VAL B 284 20.25 22.47 31.21
CA VAL B 284 19.59 23.16 32.36
C VAL B 284 18.45 22.30 32.86
N THR B 285 18.00 22.58 34.06
CA THR B 285 16.90 21.89 34.76
C THR B 285 16.10 22.96 35.50
N PHE B 286 14.94 22.64 36.05
CA PHE B 286 14.10 23.68 36.69
C PHE B 286 13.57 23.28 38.07
N GLU B 287 13.71 24.21 39.02
CA GLU B 287 13.31 24.08 40.46
C GLU B 287 11.78 24.05 40.60
N ASP B 288 11.07 24.88 39.84
CA ASP B 288 9.59 24.99 39.96
C ASP B 288 8.96 24.80 38.58
N ALA B 289 7.71 24.36 38.54
CA ALA B 289 6.90 24.31 37.29
C ALA B 289 6.82 25.71 36.67
N ARG B 290 6.59 26.74 37.49
CA ARG B 290 6.50 28.15 37.03
C ARG B 290 7.70 28.47 36.13
N THR B 291 8.91 28.19 36.62
CA THR B 291 10.18 28.58 35.97
C THR B 291 10.27 27.94 34.59
N ALA B 292 9.96 26.65 34.50
CA ALA B 292 10.03 25.89 33.23
C ALA B 292 8.98 26.41 32.26
N PRO B 293 9.41 26.77 31.04
CA PRO B 293 8.49 27.18 29.97
C PRO B 293 7.74 26.14 29.13
N ILE B 294 7.73 24.86 29.52
CA ILE B 294 6.97 23.82 28.78
C ILE B 294 6.01 23.11 29.75
N SER B 295 4.74 23.02 29.40
CA SER B 295 3.76 22.30 30.25
C SER B 295 3.59 20.85 29.74
N TYR B 296 3.69 19.91 30.65
CA TYR B 296 3.47 18.47 30.38
C TYR B 296 2.25 18.01 31.18
N MET B 297 1.49 17.08 30.58
CA MET B 297 0.20 16.59 31.14
C MET B 297 0.44 16.03 32.55
N ARG B 298 -0.33 16.49 33.53
CA ARG B 298 -0.13 16.05 34.93
C ARG B 298 -0.19 14.54 34.99
N PRO B 299 0.84 13.91 35.60
CA PRO B 299 0.75 12.49 35.94
C PRO B 299 -0.52 12.17 36.72
#